data_5G2R
#
_entry.id   5G2R
#
_cell.length_a   65.880
_cell.length_b   123.410
_cell.length_c   130.450
_cell.angle_alpha   90.00
_cell.angle_beta   90.00
_cell.angle_gamma   90.00
#
_symmetry.space_group_name_H-M   'I 2 2 2'
#
loop_
_entity.id
_entity.type
_entity.pdbx_description
1 polymer 'MOLYBDOPTERIN BIOSYNTHESIS PROTEIN CNX1'
2 non-polymer 'SULFATE ION'
3 non-polymer GLYCEROL
4 non-polymer 'MAGNESIUM ION'
5 water water
#
_entity_poly.entity_id   1
_entity_poly.type   'polypeptide(L)'
_entity_poly.pdbx_seq_one_letter_code
;MSRGSMEGQGCCGGGGGKTEMIPTEEALRIVFGVSKRLPPVIVSLYEALGKVLAEDIRAPDPLPPYPASVKDGYAVVASD
GPGEYPVITESRAGNDGLGVTVTPGTVAYVTTGGPIPDGADAVVQVEDTKVIGDVSTESKRVKILIQTKKGTDIRRVGCD
IEKDATVLTTGERIGASEIGLLATAGVTMVKVYPMPIVAILSTGDELVEPTAGTLGRGQIRDSNRAMLVAAVMQQQCKVV
DLGIVRDDRKELEKVLDEAVSSGVDIILTSGGVSMGDRDFVKPLLEEKGKVYFSKVLMKPGKPLTFAEIRAKPTESMLGK
TVLAFGLPGNPVSCLVCFNIFVVPTIRQLAGWTSPHPLRVRLRLQEPIKSDPIRPEFHRAIIKWKDNDGSGTPGFVAEST
GHQMSSRLLSMRSANALLELPATGNVLSAGSSVSAIIVSDISAFSIDKKASLSEPGSTSGGSAWSHPQFEK
;
_entity_poly.pdbx_strand_id   A
#
# COMPACT_ATOMS: atom_id res chain seq x y z
N THR A 19 -30.01 -21.51 -5.18
CA THR A 19 -29.75 -20.14 -4.76
C THR A 19 -29.20 -19.30 -5.90
N GLU A 20 -28.57 -19.97 -6.88
CA GLU A 20 -27.95 -19.34 -8.04
C GLU A 20 -26.75 -18.48 -7.67
N MET A 21 -26.84 -17.74 -6.57
CA MET A 21 -25.74 -16.91 -6.12
C MET A 21 -24.68 -17.74 -5.40
N ILE A 22 -23.44 -17.29 -5.49
CA ILE A 22 -22.30 -18.02 -4.91
C ILE A 22 -21.84 -17.31 -3.64
N PRO A 23 -21.20 -18.00 -2.71
CA PRO A 23 -20.70 -17.34 -1.51
C PRO A 23 -19.56 -16.37 -1.84
N THR A 24 -19.30 -15.47 -0.89
CA THR A 24 -18.26 -14.47 -1.09
C THR A 24 -16.88 -15.10 -1.20
N GLU A 25 -16.64 -16.20 -0.48
CA GLU A 25 -15.35 -16.86 -0.57
C GLU A 25 -15.12 -17.48 -1.95
N GLU A 26 -16.20 -17.93 -2.61
CA GLU A 26 -16.06 -18.51 -3.94
C GLU A 26 -15.93 -17.43 -5.01
N ALA A 27 -16.67 -16.32 -4.86
CA ALA A 27 -16.53 -15.22 -5.81
C ALA A 27 -15.12 -14.63 -5.75
N LEU A 28 -14.53 -14.57 -4.56
CA LEU A 28 -13.15 -14.13 -4.44
C LEU A 28 -12.20 -15.11 -5.10
N ARG A 29 -12.45 -16.41 -4.94
CA ARG A 29 -11.58 -17.41 -5.56
C ARG A 29 -11.68 -17.35 -7.08
N ILE A 30 -12.87 -17.06 -7.61
CA ILE A 30 -13.03 -16.95 -9.06
C ILE A 30 -12.28 -15.75 -9.59
N VAL A 31 -12.47 -14.59 -8.96
CA VAL A 31 -11.79 -13.37 -9.41
C VAL A 31 -10.28 -13.52 -9.26
N PHE A 32 -9.83 -14.16 -8.19
CA PHE A 32 -8.40 -14.39 -7.99
C PHE A 32 -7.82 -15.25 -9.10
N GLY A 33 -8.56 -16.28 -9.53
CA GLY A 33 -8.08 -17.17 -10.57
C GLY A 33 -8.08 -16.57 -11.96
N VAL A 34 -8.81 -15.47 -12.16
CA VAL A 34 -8.89 -14.83 -13.47
C VAL A 34 -7.93 -13.66 -13.52
N SER A 35 -7.75 -12.99 -12.39
CA SER A 35 -6.88 -11.81 -12.33
C SER A 35 -5.43 -12.21 -12.60
N LYS A 36 -4.83 -11.57 -13.59
CA LYS A 36 -3.45 -11.85 -13.99
C LYS A 36 -2.59 -10.61 -13.77
N ARG A 37 -1.37 -10.83 -13.28
CA ARG A 37 -0.46 -9.73 -13.01
C ARG A 37 -0.08 -9.01 -14.29
N LEU A 38 0.00 -7.68 -14.21
CA LEU A 38 0.32 -6.88 -15.38
C LEU A 38 1.80 -7.03 -15.72
N PRO A 39 2.16 -6.86 -17.00
CA PRO A 39 3.57 -6.96 -17.40
C PRO A 39 4.39 -5.85 -16.77
N PRO A 40 5.64 -6.12 -16.38
CA PRO A 40 6.45 -5.11 -15.71
C PRO A 40 6.85 -3.98 -16.65
N VAL A 41 7.06 -2.80 -16.06
CA VAL A 41 7.49 -1.61 -16.79
C VAL A 41 8.67 -0.99 -16.06
N ILE A 42 9.34 -0.08 -16.76
CA ILE A 42 10.48 0.66 -16.21
C ILE A 42 10.01 2.05 -15.85
N VAL A 43 10.16 2.43 -14.58
CA VAL A 43 9.74 3.72 -14.08
C VAL A 43 10.90 4.40 -13.39
N SER A 44 10.75 5.69 -13.14
CA SER A 44 11.78 6.45 -12.43
C SER A 44 11.70 6.13 -10.94
N LEU A 45 12.66 6.70 -10.19
CA LEU A 45 12.76 6.40 -8.76
C LEU A 45 11.49 6.81 -8.02
N TYR A 46 11.03 8.04 -8.24
CA TYR A 46 9.85 8.53 -7.53
C TYR A 46 8.55 7.95 -8.08
N GLU A 47 8.55 7.49 -9.34
CA GLU A 47 7.39 6.77 -9.85
C GLU A 47 7.29 5.36 -9.28
N ALA A 48 8.38 4.83 -8.73
CA ALA A 48 8.39 3.48 -8.19
C ALA A 48 7.81 3.41 -6.78
N LEU A 49 7.54 4.55 -6.14
CA LEU A 49 6.98 4.54 -4.80
C LEU A 49 5.59 3.91 -4.80
N GLY A 50 5.34 3.03 -3.83
CA GLY A 50 4.08 2.35 -3.71
C GLY A 50 3.92 1.12 -4.59
N LYS A 51 4.75 0.97 -5.62
CA LYS A 51 4.62 -0.13 -6.55
C LYS A 51 5.47 -1.33 -6.11
N VAL A 52 5.19 -2.47 -6.71
CA VAL A 52 5.82 -3.73 -6.33
C VAL A 52 7.04 -3.97 -7.21
N LEU A 53 8.15 -4.36 -6.59
CA LEU A 53 9.39 -4.58 -7.32
C LEU A 53 9.25 -5.79 -8.24
N ALA A 54 9.74 -5.64 -9.49
CA ALA A 54 9.69 -6.69 -10.48
C ALA A 54 11.08 -7.21 -10.83
N GLU A 55 12.08 -6.93 -10.00
CA GLU A 55 13.43 -7.40 -10.22
C GLU A 55 14.17 -7.37 -8.90
N ASP A 56 15.32 -8.05 -8.85
CA ASP A 56 16.19 -7.99 -7.68
C ASP A 56 17.14 -6.82 -7.80
N ILE A 57 17.42 -6.18 -6.67
CA ILE A 57 18.30 -5.01 -6.62
C ILE A 57 19.57 -5.41 -5.86
N ARG A 58 20.71 -5.34 -6.54
CA ARG A 58 22.00 -5.68 -5.96
C ARG A 58 22.86 -4.42 -5.85
N ALA A 59 23.59 -4.31 -4.74
CA ALA A 59 24.44 -3.16 -4.50
C ALA A 59 25.69 -3.22 -5.39
N PRO A 60 25.92 -2.22 -6.25
CA PRO A 60 27.13 -2.25 -7.08
C PRO A 60 28.41 -1.98 -6.31
N ASP A 61 28.30 -1.43 -5.10
CA ASP A 61 29.45 -1.11 -4.27
C ASP A 61 29.02 -1.26 -2.81
N PRO A 62 29.97 -1.55 -1.91
CA PRO A 62 29.59 -1.76 -0.51
C PRO A 62 29.22 -0.46 0.17
N LEU A 63 28.55 -0.60 1.31
CA LEU A 63 28.21 0.55 2.14
C LEU A 63 28.64 0.29 3.58
N PRO A 64 29.61 1.08 4.07
CA PRO A 64 30.30 2.12 3.30
C PRO A 64 31.38 1.55 2.39
N PRO A 65 31.66 2.23 1.27
CA PRO A 65 32.73 1.78 0.37
C PRO A 65 34.13 2.01 0.92
N TYR A 66 34.25 2.59 2.11
CA TYR A 66 35.52 2.93 2.74
C TYR A 66 35.33 2.83 4.25
N PRO A 67 36.39 2.58 5.01
CA PRO A 67 36.27 2.60 6.48
C PRO A 67 35.81 3.96 6.97
N ALA A 68 34.58 4.04 7.47
CA ALA A 68 33.98 5.30 7.87
C ALA A 68 33.86 5.38 9.39
N SER A 69 34.05 6.58 9.93
CA SER A 69 33.94 6.80 11.36
C SER A 69 32.47 6.91 11.76
N VAL A 70 32.12 6.25 12.86
CA VAL A 70 30.76 6.31 13.36
C VAL A 70 30.54 7.61 14.14
N LYS A 71 31.52 8.01 14.93
CA LYS A 71 31.40 9.17 15.79
C LYS A 71 32.27 10.31 15.28
N ASP A 72 31.95 11.52 15.74
CA ASP A 72 32.85 12.65 15.58
C ASP A 72 33.90 12.59 16.69
N GLY A 73 35.16 12.65 16.30
CA GLY A 73 36.23 12.56 17.26
C GLY A 73 37.59 12.39 16.63
N TYR A 74 38.35 11.40 17.09
CA TYR A 74 39.71 11.20 16.63
C TYR A 74 39.94 9.72 16.34
N ALA A 75 40.53 9.43 15.19
CA ALA A 75 40.95 8.07 14.85
C ALA A 75 42.30 7.81 15.49
N VAL A 76 42.37 6.76 16.31
CA VAL A 76 43.55 6.48 17.12
C VAL A 76 44.04 5.07 16.83
N VAL A 77 45.21 4.76 17.37
CA VAL A 77 45.71 3.40 17.45
C VAL A 77 45.30 2.86 18.81
N ALA A 78 44.52 1.77 18.81
CA ALA A 78 43.94 1.27 20.05
C ALA A 78 45.01 0.86 21.06
N SER A 79 46.18 0.41 20.58
CA SER A 79 47.23 -0.03 21.49
C SER A 79 47.91 1.14 22.21
N ASP A 80 47.86 2.34 21.64
CA ASP A 80 48.50 3.48 22.28
C ASP A 80 47.83 3.86 23.59
N GLY A 81 46.51 3.69 23.67
CA GLY A 81 45.78 3.98 24.89
C GLY A 81 45.67 5.46 25.17
N PRO A 82 45.24 5.81 26.38
CA PRO A 82 45.07 7.22 26.74
C PRO A 82 46.41 7.93 26.83
N GLY A 83 46.34 9.24 26.68
CA GLY A 83 47.52 10.08 26.70
C GLY A 83 47.36 11.25 25.75
N GLU A 84 48.45 11.99 25.60
CA GLU A 84 48.48 13.16 24.72
C GLU A 84 49.19 12.79 23.42
N TYR A 85 48.55 13.10 22.29
CA TYR A 85 49.07 12.74 20.97
C TYR A 85 48.88 13.91 20.02
N PRO A 86 49.73 14.02 19.00
CA PRO A 86 49.55 15.06 17.99
C PRO A 86 48.48 14.67 16.98
N VAL A 87 47.81 15.68 16.45
CA VAL A 87 46.79 15.50 15.41
C VAL A 87 47.52 15.56 14.07
N ILE A 88 47.96 14.40 13.59
CA ILE A 88 48.84 14.36 12.43
C ILE A 88 48.11 14.75 11.16
N THR A 89 46.80 14.54 11.10
CA THR A 89 46.01 14.90 9.92
C THR A 89 44.55 14.99 10.33
N GLU A 90 43.71 15.41 9.39
CA GLU A 90 42.27 15.48 9.57
C GLU A 90 41.59 14.73 8.44
N SER A 91 40.57 13.93 8.77
CA SER A 91 39.83 13.14 7.79
C SER A 91 38.33 13.31 8.07
N ARG A 92 37.75 14.37 7.53
CA ARG A 92 36.33 14.64 7.68
C ARG A 92 35.54 13.90 6.61
N ALA A 93 34.22 13.89 6.78
CA ALA A 93 33.34 13.34 5.76
C ALA A 93 33.49 14.13 4.47
N GLY A 94 33.89 13.44 3.40
CA GLY A 94 34.16 14.07 2.12
C GLY A 94 35.58 13.94 1.65
N ASN A 95 36.53 13.70 2.56
CA ASN A 95 37.92 13.47 2.16
C ASN A 95 38.04 12.16 1.42
N ASP A 96 39.06 12.09 0.56
CA ASP A 96 39.29 10.89 -0.24
C ASP A 96 39.92 9.74 0.56
N GLY A 97 40.33 9.99 1.80
CA GLY A 97 40.92 8.96 2.63
C GLY A 97 42.37 8.65 2.33
N LEU A 98 42.92 9.17 1.22
CA LEU A 98 44.32 8.94 0.87
C LEU A 98 45.17 10.09 1.43
N GLY A 99 45.21 10.15 2.76
CA GLY A 99 45.98 11.16 3.45
C GLY A 99 47.23 10.62 4.10
N VAL A 100 47.54 11.11 5.28
CA VAL A 100 48.74 10.69 6.00
C VAL A 100 48.41 9.46 6.85
N THR A 101 49.34 8.52 6.90
CA THR A 101 49.17 7.33 7.72
C THR A 101 49.29 7.70 9.20
N VAL A 102 48.31 7.27 10.00
CA VAL A 102 48.32 7.52 11.43
C VAL A 102 49.24 6.48 12.06
N THR A 103 50.50 6.86 12.28
CA THR A 103 51.47 5.98 12.93
C THR A 103 51.17 5.90 14.42
N PRO A 104 51.71 4.87 15.10
CA PRO A 104 51.55 4.79 16.55
C PRO A 104 52.07 6.04 17.23
N GLY A 105 51.30 6.52 18.21
CA GLY A 105 51.61 7.77 18.88
C GLY A 105 50.96 8.99 18.25
N THR A 106 50.20 8.82 17.18
CA THR A 106 49.53 9.92 16.50
C THR A 106 48.04 9.62 16.39
N VAL A 107 47.25 10.68 16.22
CA VAL A 107 45.81 10.58 16.03
C VAL A 107 45.41 11.45 14.85
N ALA A 108 44.18 11.26 14.39
CA ALA A 108 43.63 12.03 13.28
C ALA A 108 42.20 12.41 13.60
N TYR A 109 41.89 13.70 13.43
CA TYR A 109 40.52 14.16 13.67
C TYR A 109 39.60 13.65 12.58
N VAL A 110 38.46 13.08 12.98
CA VAL A 110 37.47 12.54 12.06
C VAL A 110 36.08 12.95 12.51
N THR A 111 35.20 13.17 11.54
CA THR A 111 33.79 13.40 11.79
C THR A 111 32.99 12.17 11.38
N THR A 112 31.68 12.24 11.58
CA THR A 112 30.81 11.13 11.19
C THR A 112 30.82 10.96 9.68
N GLY A 113 31.14 9.75 9.23
CA GLY A 113 31.26 9.46 7.81
C GLY A 113 32.65 9.69 7.24
N GLY A 114 33.57 10.26 8.02
CA GLY A 114 34.92 10.50 7.55
C GLY A 114 35.71 9.22 7.37
N PRO A 115 36.47 9.13 6.29
CA PRO A 115 37.28 7.94 6.06
C PRO A 115 38.34 7.77 7.15
N ILE A 116 38.51 6.52 7.59
CA ILE A 116 39.51 6.20 8.61
C ILE A 116 40.88 6.20 7.94
N PRO A 117 41.82 7.02 8.40
CA PRO A 117 43.16 7.01 7.81
C PRO A 117 43.83 5.67 8.01
N ASP A 118 44.73 5.33 7.08
CA ASP A 118 45.45 4.07 7.17
C ASP A 118 46.33 4.06 8.43
N GLY A 119 46.19 3.00 9.22
CA GLY A 119 46.93 2.84 10.46
C GLY A 119 46.09 2.97 11.71
N ALA A 120 44.91 3.58 11.62
CA ALA A 120 44.04 3.75 12.77
C ALA A 120 43.20 2.49 12.96
N ASP A 121 43.13 2.01 14.20
CA ASP A 121 42.36 0.81 14.52
C ASP A 121 41.03 1.11 15.18
N ALA A 122 40.83 2.30 15.73
CA ALA A 122 39.60 2.64 16.42
C ALA A 122 39.38 4.14 16.37
N VAL A 123 38.20 4.55 16.81
CA VAL A 123 37.82 5.96 16.88
C VAL A 123 37.36 6.25 18.30
N VAL A 124 37.92 7.30 18.90
CA VAL A 124 37.54 7.73 20.24
C VAL A 124 36.55 8.88 20.10
N GLN A 125 35.42 8.77 20.80
CA GLN A 125 34.39 9.80 20.76
C GLN A 125 34.97 11.13 21.26
N VAL A 126 34.55 12.23 20.64
CA VAL A 126 35.09 13.54 20.99
C VAL A 126 34.75 13.91 22.42
N GLU A 127 33.68 13.36 22.98
CA GLU A 127 33.37 13.58 24.39
C GLU A 127 34.41 12.94 25.30
N ASP A 128 35.20 12.00 24.78
CA ASP A 128 36.27 11.35 25.54
C ASP A 128 37.64 11.92 25.18
N THR A 129 37.69 13.14 24.65
CA THR A 129 38.94 13.78 24.28
C THR A 129 38.93 15.22 24.79
N LYS A 130 40.12 15.83 24.79
CA LYS A 130 40.28 17.21 25.21
C LYS A 130 41.41 17.84 24.42
N VAL A 131 41.14 19.02 23.84
CA VAL A 131 42.15 19.72 23.05
C VAL A 131 43.15 20.37 23.99
N ILE A 132 44.43 20.09 23.76
CA ILE A 132 45.52 20.60 24.60
C ILE A 132 46.33 21.59 23.77
N GLY A 133 46.64 22.74 24.37
CA GLY A 133 47.42 23.75 23.68
C GLY A 133 46.56 24.59 22.74
N ASP A 134 47.24 25.29 21.84
CA ASP A 134 46.57 26.11 20.84
C ASP A 134 47.48 26.37 19.64
N VAL A 135 47.47 27.59 19.13
CA VAL A 135 48.26 27.93 17.96
C VAL A 135 49.75 27.96 18.32
N SER A 139 50.34 23.23 14.55
CA SER A 139 50.55 22.15 15.52
C SER A 139 49.39 22.06 16.52
N LYS A 140 48.68 20.94 16.48
CA LYS A 140 47.54 20.72 17.37
C LYS A 140 47.72 19.38 18.08
N ARG A 141 47.44 19.36 19.37
CA ARG A 141 47.57 18.15 20.19
C ARG A 141 46.28 17.91 20.95
N VAL A 142 45.90 16.63 21.06
CA VAL A 142 44.68 16.25 21.76
C VAL A 142 45.04 15.16 22.78
N LYS A 143 44.17 15.02 23.78
CA LYS A 143 44.38 14.08 24.88
C LYS A 143 43.26 13.05 24.85
N ILE A 144 43.59 11.80 24.55
CA ILE A 144 42.63 10.71 24.63
C ILE A 144 42.42 10.35 26.10
N LEU A 145 41.17 10.37 26.54
CA LEU A 145 40.85 10.20 27.96
C LEU A 145 40.42 8.78 28.32
N ILE A 146 40.20 7.91 27.35
CA ILE A 146 39.73 6.55 27.61
C ILE A 146 40.66 5.57 26.93
N GLN A 147 40.53 4.30 27.30
CA GLN A 147 41.19 3.18 26.65
C GLN A 147 40.18 2.45 25.79
N THR A 148 40.35 2.53 24.48
CA THR A 148 39.41 1.93 23.53
C THR A 148 40.02 0.69 22.90
N LYS A 149 39.15 -0.22 22.47
CA LYS A 149 39.58 -1.43 21.80
C LYS A 149 39.52 -1.23 20.28
N LYS A 150 40.26 -2.08 19.57
CA LYS A 150 40.35 -1.96 18.11
C LYS A 150 38.99 -2.22 17.47
N GLY A 151 38.62 -1.37 16.51
CA GLY A 151 37.37 -1.48 15.81
C GLY A 151 36.23 -0.68 16.38
N THR A 152 36.45 0.07 17.44
CA THR A 152 35.38 0.83 18.09
C THR A 152 35.03 2.06 17.25
N ASP A 153 33.73 2.24 17.00
CA ASP A 153 33.21 3.41 16.30
C ASP A 153 33.79 3.53 14.88
N ILE A 154 33.95 2.39 14.22
CA ILE A 154 34.41 2.35 12.83
C ILE A 154 33.45 1.45 12.05
N ARG A 155 32.87 1.99 10.98
CA ARG A 155 32.06 1.20 10.05
C ARG A 155 32.98 0.57 9.02
N ARG A 156 33.20 -0.74 9.15
CA ARG A 156 34.03 -1.46 8.18
C ARG A 156 33.39 -1.42 6.79
N VAL A 157 34.21 -1.70 5.78
CA VAL A 157 33.73 -1.67 4.41
C VAL A 157 32.65 -2.74 4.24
N GLY A 158 31.45 -2.32 3.87
CA GLY A 158 30.36 -3.24 3.63
C GLY A 158 29.64 -3.73 4.87
N CYS A 159 29.85 -3.10 6.02
CA CYS A 159 29.22 -3.57 7.25
C CYS A 159 27.71 -3.36 7.21
N ASP A 160 27.26 -2.25 6.59
CA ASP A 160 25.83 -2.02 6.46
C ASP A 160 25.25 -2.74 5.24
N ILE A 161 25.93 -2.64 4.10
CA ILE A 161 25.51 -3.30 2.87
C ILE A 161 26.74 -3.87 2.19
N GLU A 162 26.78 -5.18 2.00
CA GLU A 162 27.88 -5.81 1.29
C GLU A 162 27.73 -5.60 -0.22
N LYS A 163 28.87 -5.60 -0.91
CA LYS A 163 28.86 -5.45 -2.36
C LYS A 163 28.21 -6.66 -3.02
N ASP A 164 27.44 -6.42 -4.07
CA ASP A 164 26.71 -7.43 -4.83
C ASP A 164 25.65 -8.15 -4.01
N ALA A 165 25.37 -7.66 -2.80
CA ALA A 165 24.30 -8.23 -1.99
C ALA A 165 22.95 -7.72 -2.46
N THR A 166 21.93 -8.58 -2.32
CA THR A 166 20.59 -8.23 -2.75
C THR A 166 19.90 -7.43 -1.65
N VAL A 167 19.75 -6.12 -1.87
CA VAL A 167 19.11 -5.26 -0.88
C VAL A 167 17.59 -5.29 -1.03
N LEU A 168 17.08 -5.57 -2.23
CA LEU A 168 15.66 -5.61 -2.48
C LEU A 168 15.36 -6.75 -3.45
N THR A 169 14.30 -7.50 -3.16
CA THR A 169 13.95 -8.67 -3.95
C THR A 169 12.65 -8.44 -4.71
N THR A 170 12.43 -9.29 -5.71
CA THR A 170 11.21 -9.22 -6.49
C THR A 170 9.99 -9.53 -5.63
N GLY A 171 8.90 -8.81 -5.88
CA GLY A 171 7.68 -8.98 -5.12
C GLY A 171 7.59 -8.11 -3.88
N GLU A 172 8.63 -7.36 -3.56
CA GLU A 172 8.64 -6.49 -2.39
C GLU A 172 8.08 -5.13 -2.77
N ARG A 173 7.10 -4.65 -2.01
CA ARG A 173 6.49 -3.35 -2.27
C ARG A 173 7.43 -2.23 -1.84
N ILE A 174 7.48 -1.18 -2.64
CA ILE A 174 8.44 -0.10 -2.47
C ILE A 174 7.83 0.98 -1.57
N GLY A 175 8.41 1.15 -0.37
CA GLY A 175 8.09 2.25 0.50
C GLY A 175 9.21 3.27 0.58
N ALA A 176 9.16 4.10 1.61
CA ALA A 176 10.17 5.14 1.76
C ALA A 176 11.55 4.55 2.03
N SER A 177 11.63 3.52 2.88
CA SER A 177 12.92 2.91 3.16
C SER A 177 13.48 2.21 1.93
N GLU A 178 12.62 1.56 1.15
CA GLU A 178 13.07 0.91 -0.08
C GLU A 178 13.54 1.91 -1.12
N ILE A 179 12.96 3.11 -1.14
CA ILE A 179 13.44 4.17 -2.02
C ILE A 179 14.85 4.57 -1.65
N GLY A 180 15.12 4.71 -0.35
CA GLY A 180 16.47 5.02 0.09
C GLY A 180 17.46 3.94 -0.29
N LEU A 181 17.04 2.67 -0.21
CA LEU A 181 17.91 1.58 -0.63
C LEU A 181 18.17 1.62 -2.12
N LEU A 182 17.17 2.01 -2.91
CA LEU A 182 17.39 2.18 -4.35
C LEU A 182 18.36 3.33 -4.62
N ALA A 183 18.22 4.44 -3.90
CA ALA A 183 19.16 5.54 -4.06
C ALA A 183 20.54 5.18 -3.55
N THR A 184 20.63 4.34 -2.52
CA THR A 184 21.92 3.87 -2.02
C THR A 184 22.63 3.03 -3.08
N ALA A 185 21.89 2.13 -3.74
CA ALA A 185 22.45 1.27 -4.77
C ALA A 185 22.56 1.96 -6.13
N GLY A 186 22.14 3.21 -6.24
CA GLY A 186 22.26 3.93 -7.50
C GLY A 186 21.26 3.51 -8.55
N VAL A 187 20.09 3.03 -8.15
CA VAL A 187 19.05 2.61 -9.09
C VAL A 187 18.04 3.75 -9.16
N THR A 188 18.07 4.49 -10.26
CA THR A 188 17.10 5.56 -10.49
C THR A 188 16.04 5.19 -11.52
N MET A 189 16.25 4.11 -12.28
CA MET A 189 15.24 3.53 -13.16
C MET A 189 14.95 2.13 -12.67
N VAL A 190 13.72 1.90 -12.22
CA VAL A 190 13.35 0.69 -11.50
C VAL A 190 12.33 -0.09 -12.33
N LYS A 191 12.50 -1.41 -12.36
CA LYS A 191 11.56 -2.31 -13.02
C LYS A 191 10.53 -2.76 -11.99
N VAL A 192 9.29 -2.30 -12.14
CA VAL A 192 8.21 -2.59 -11.19
C VAL A 192 7.00 -3.08 -11.96
N TYR A 193 6.05 -3.63 -11.22
CA TYR A 193 4.75 -3.94 -11.81
C TYR A 193 3.85 -2.71 -11.72
N PRO A 194 3.27 -2.25 -12.82
CA PRO A 194 2.48 -1.02 -12.79
C PRO A 194 1.15 -1.23 -12.09
N MET A 195 0.45 -0.13 -11.91
CA MET A 195 -0.92 -0.16 -11.41
C MET A 195 -1.90 -0.29 -12.57
N PRO A 196 -3.00 -1.01 -12.39
CA PRO A 196 -3.99 -1.13 -13.47
C PRO A 196 -4.68 0.20 -13.72
N ILE A 197 -4.92 0.48 -15.00
CA ILE A 197 -5.75 1.61 -15.38
C ILE A 197 -7.22 1.20 -15.24
N VAL A 198 -7.99 2.00 -14.52
CA VAL A 198 -9.36 1.67 -14.17
C VAL A 198 -10.30 2.67 -14.83
N ALA A 199 -11.26 2.16 -15.60
CA ALA A 199 -12.32 2.98 -16.19
C ALA A 199 -13.58 2.86 -15.34
N ILE A 200 -14.23 3.99 -15.08
CA ILE A 200 -15.38 4.04 -14.18
C ILE A 200 -16.51 4.76 -14.89
N LEU A 201 -17.73 4.24 -14.72
CA LEU A 201 -18.92 4.86 -15.28
C LEU A 201 -20.11 4.54 -14.39
N SER A 202 -21.12 5.41 -14.43
CA SER A 202 -22.35 5.23 -13.69
C SER A 202 -23.52 5.08 -14.66
N THR A 203 -24.48 4.23 -14.29
CA THR A 203 -25.68 4.03 -15.09
C THR A 203 -26.90 4.49 -14.30
N GLY A 204 -27.89 4.98 -15.02
CA GLY A 204 -29.12 5.44 -14.39
C GLY A 204 -29.71 6.68 -15.03
N ASP A 205 -30.95 6.58 -15.50
CA ASP A 205 -31.63 7.74 -16.08
C ASP A 205 -31.94 8.81 -15.04
N GLU A 206 -31.91 8.47 -13.76
CA GLU A 206 -32.20 9.42 -12.70
C GLU A 206 -30.95 10.16 -12.23
N LEU A 207 -29.78 9.86 -12.79
CA LEU A 207 -28.54 10.44 -12.33
C LEU A 207 -28.27 11.77 -13.00
N VAL A 208 -27.81 12.74 -12.21
CA VAL A 208 -27.30 14.00 -12.72
C VAL A 208 -25.92 14.22 -12.10
N GLU A 209 -25.17 15.15 -12.70
CA GLU A 209 -23.82 15.42 -12.24
C GLU A 209 -23.86 15.98 -10.82
N PRO A 210 -22.81 15.75 -10.02
CA PRO A 210 -22.75 16.33 -8.68
C PRO A 210 -22.68 17.85 -8.67
N THR A 211 -22.52 18.50 -9.83
CA THR A 211 -22.55 19.95 -9.92
C THR A 211 -23.96 20.51 -10.02
N ALA A 212 -24.98 19.65 -10.12
CA ALA A 212 -26.35 20.10 -10.26
C ALA A 212 -26.86 20.71 -8.95
N GLY A 213 -27.57 21.83 -9.07
CA GLY A 213 -28.15 22.48 -7.92
C GLY A 213 -29.49 21.90 -7.53
N THR A 214 -30.57 22.62 -7.81
CA THR A 214 -31.91 22.13 -7.50
C THR A 214 -32.24 20.93 -8.37
N LEU A 215 -32.49 19.79 -7.75
CA LEU A 215 -32.75 18.57 -8.50
C LEU A 215 -34.12 18.61 -9.15
N GLY A 216 -34.21 18.05 -10.35
CA GLY A 216 -35.48 17.88 -11.02
C GLY A 216 -36.27 16.72 -10.44
N ARG A 217 -37.48 16.57 -10.96
CA ARG A 217 -38.36 15.50 -10.48
C ARG A 217 -37.76 14.14 -10.83
N GLY A 218 -37.52 13.34 -9.80
CA GLY A 218 -36.96 12.02 -9.99
C GLY A 218 -35.46 11.97 -10.23
N GLN A 219 -34.76 13.08 -10.01
CA GLN A 219 -33.32 13.14 -10.24
C GLN A 219 -32.57 13.04 -8.92
N ILE A 220 -31.45 12.31 -8.95
CA ILE A 220 -30.50 12.28 -7.84
C ILE A 220 -29.12 12.52 -8.41
N ARG A 221 -28.23 13.04 -7.56
CA ARG A 221 -26.87 13.33 -7.98
C ARG A 221 -26.05 12.04 -8.02
N ASP A 222 -25.20 11.93 -9.03
CA ASP A 222 -24.35 10.76 -9.19
C ASP A 222 -23.27 10.75 -8.13
N SER A 223 -23.40 9.85 -7.16
CA SER A 223 -22.44 9.75 -6.07
C SER A 223 -21.47 8.60 -6.23
N ASN A 224 -21.87 7.51 -6.90
CA ASN A 224 -21.01 6.34 -7.00
C ASN A 224 -19.78 6.63 -7.85
N ARG A 225 -19.94 7.39 -8.94
CA ARG A 225 -18.80 7.63 -9.83
C ARG A 225 -17.70 8.39 -9.12
N ALA A 226 -18.04 9.53 -8.49
CA ALA A 226 -17.04 10.26 -7.72
C ALA A 226 -16.52 9.44 -6.56
N MET A 227 -17.35 8.58 -5.97
CA MET A 227 -16.90 7.72 -4.88
C MET A 227 -15.92 6.67 -5.38
N LEU A 228 -16.24 6.03 -6.51
CA LEU A 228 -15.32 5.04 -7.07
C LEU A 228 -14.04 5.69 -7.59
N VAL A 229 -14.14 6.90 -8.13
CA VAL A 229 -12.94 7.61 -8.58
C VAL A 229 -12.00 7.83 -7.40
N ALA A 230 -12.52 8.38 -6.31
CA ALA A 230 -11.71 8.59 -5.12
C ALA A 230 -11.20 7.27 -4.55
N ALA A 231 -12.01 6.21 -4.64
CA ALA A 231 -11.58 4.92 -4.13
C ALA A 231 -10.45 4.34 -4.97
N VAL A 232 -10.56 4.45 -6.29
CA VAL A 232 -9.49 3.97 -7.16
C VAL A 232 -8.25 4.85 -7.00
N MET A 233 -8.44 6.15 -6.79
CA MET A 233 -7.31 7.04 -6.54
C MET A 233 -6.56 6.64 -5.28
N GLN A 234 -7.30 6.24 -4.23
CA GLN A 234 -6.67 5.75 -3.02
C GLN A 234 -5.87 4.48 -3.25
N GLN A 235 -6.20 3.72 -4.30
CA GLN A 235 -5.40 2.58 -4.73
C GLN A 235 -4.26 2.97 -5.65
N GLN A 236 -4.05 4.28 -5.86
CA GLN A 236 -2.93 4.79 -6.65
C GLN A 236 -2.99 4.28 -8.10
N CYS A 237 -4.20 4.17 -8.64
CA CYS A 237 -4.41 3.79 -10.03
C CYS A 237 -4.88 4.98 -10.83
N LYS A 238 -4.58 4.97 -12.13
CA LYS A 238 -5.09 5.99 -13.03
C LYS A 238 -6.56 5.72 -13.32
N VAL A 239 -7.37 6.76 -13.26
CA VAL A 239 -8.81 6.67 -13.46
C VAL A 239 -9.16 7.21 -14.84
N VAL A 240 -10.00 6.47 -15.56
CA VAL A 240 -10.57 6.96 -16.81
C VAL A 240 -12.06 7.19 -16.58
N ASP A 241 -12.43 8.43 -16.26
CA ASP A 241 -13.81 8.78 -15.98
C ASP A 241 -14.62 8.76 -17.28
N LEU A 242 -15.55 7.81 -17.39
CA LEU A 242 -16.42 7.69 -18.56
C LEU A 242 -17.75 8.40 -18.38
N GLY A 243 -18.04 8.94 -17.21
CA GLY A 243 -19.21 9.75 -17.01
C GLY A 243 -20.49 8.95 -16.80
N ILE A 244 -21.59 9.69 -16.80
CA ILE A 244 -22.91 9.11 -16.60
C ILE A 244 -23.41 8.53 -17.92
N VAL A 245 -23.84 7.27 -17.89
CA VAL A 245 -24.44 6.60 -19.04
C VAL A 245 -25.89 6.30 -18.70
N ARG A 246 -26.80 6.64 -19.62
CA ARG A 246 -28.21 6.42 -19.39
C ARG A 246 -28.55 4.94 -19.58
N ASP A 247 -29.75 4.56 -19.11
CA ASP A 247 -30.22 3.18 -19.21
C ASP A 247 -30.66 2.88 -20.65
N ASP A 248 -29.66 2.83 -21.53
CA ASP A 248 -29.88 2.55 -22.94
C ASP A 248 -28.96 1.42 -23.36
N ARG A 249 -29.53 0.42 -24.04
CA ARG A 249 -28.76 -0.75 -24.44
C ARG A 249 -27.63 -0.38 -25.39
N LYS A 250 -27.94 0.37 -26.44
CA LYS A 250 -26.93 0.73 -27.43
C LYS A 250 -25.90 1.71 -26.87
N GLU A 251 -26.33 2.58 -25.94
CA GLU A 251 -25.39 3.54 -25.35
C GLU A 251 -24.38 2.85 -24.46
N LEU A 252 -24.86 1.98 -23.56
CA LEU A 252 -23.94 1.23 -22.70
C LEU A 252 -23.02 0.34 -23.52
N GLU A 253 -23.53 -0.22 -24.61
CA GLU A 253 -22.68 -1.02 -25.50
C GLU A 253 -21.58 -0.17 -26.13
N LYS A 254 -21.91 1.08 -26.49
CA LYS A 254 -20.91 1.95 -27.10
C LYS A 254 -19.84 2.35 -26.11
N VAL A 255 -20.23 2.67 -24.87
CA VAL A 255 -19.26 3.10 -23.87
C VAL A 255 -18.35 1.94 -23.48
N LEU A 256 -18.90 0.73 -23.42
CA LEU A 256 -18.08 -0.43 -23.05
C LEU A 256 -17.08 -0.77 -24.16
N ASP A 257 -17.51 -0.68 -25.42
CA ASP A 257 -16.58 -0.95 -26.53
C ASP A 257 -15.44 0.06 -26.54
N GLU A 258 -15.74 1.33 -26.25
CA GLU A 258 -14.68 2.32 -26.14
C GLU A 258 -13.79 2.06 -24.93
N ALA A 259 -14.38 1.62 -23.82
CA ALA A 259 -13.60 1.34 -22.63
C ALA A 259 -12.67 0.15 -22.82
N VAL A 260 -13.17 -0.92 -23.47
CA VAL A 260 -12.36 -2.10 -23.69
C VAL A 260 -11.18 -1.77 -24.61
N SER A 261 -11.44 -0.97 -25.64
CA SER A 261 -10.41 -0.63 -26.63
C SER A 261 -9.54 0.55 -26.20
N SER A 262 -9.85 1.20 -25.08
CA SER A 262 -9.06 2.35 -24.64
C SER A 262 -7.74 1.94 -24.00
N GLY A 263 -7.59 0.67 -23.62
CA GLY A 263 -6.38 0.19 -22.98
C GLY A 263 -6.47 0.03 -21.48
N VAL A 264 -7.65 0.21 -20.88
CA VAL A 264 -7.77 0.05 -19.44
C VAL A 264 -7.67 -1.43 -19.07
N ASP A 265 -7.36 -1.68 -17.81
CA ASP A 265 -7.26 -3.04 -17.31
C ASP A 265 -8.48 -3.48 -16.51
N ILE A 266 -9.16 -2.53 -15.87
CA ILE A 266 -10.36 -2.80 -15.08
C ILE A 266 -11.43 -1.80 -15.48
N ILE A 267 -12.66 -2.29 -15.65
CA ILE A 267 -13.82 -1.45 -15.91
C ILE A 267 -14.75 -1.58 -14.71
N LEU A 268 -15.07 -0.45 -14.09
CA LEU A 268 -15.99 -0.40 -12.97
C LEU A 268 -17.29 0.25 -13.43
N THR A 269 -18.38 -0.51 -13.38
CA THR A 269 -19.70 -0.03 -13.71
C THR A 269 -20.55 0.03 -12.46
N SER A 270 -21.36 1.09 -12.33
CA SER A 270 -22.26 1.27 -11.19
C SER A 270 -23.70 1.18 -11.67
N GLY A 271 -24.43 0.20 -11.16
CA GLY A 271 -25.83 0.05 -11.49
C GLY A 271 -26.07 -0.76 -12.75
N GLY A 272 -27.34 -0.99 -13.03
CA GLY A 272 -27.73 -1.71 -14.23
C GLY A 272 -27.52 -3.20 -14.19
N VAL A 273 -27.34 -3.78 -13.01
CA VAL A 273 -27.10 -5.22 -12.87
C VAL A 273 -28.17 -5.89 -12.03
N SER A 274 -29.30 -5.23 -11.80
CA SER A 274 -30.33 -5.78 -10.93
C SER A 274 -31.41 -6.49 -11.75
N MET A 275 -32.67 -6.38 -11.32
CA MET A 275 -33.77 -7.12 -11.92
C MET A 275 -34.69 -6.26 -12.78
N GLY A 276 -34.40 -4.98 -12.95
CA GLY A 276 -35.24 -4.14 -13.76
C GLY A 276 -35.14 -4.47 -15.24
N ASP A 277 -36.18 -4.10 -15.98
CA ASP A 277 -36.22 -4.36 -17.41
C ASP A 277 -35.35 -3.40 -18.21
N ARG A 278 -34.62 -2.50 -17.54
CA ARG A 278 -33.71 -1.58 -18.20
C ARG A 278 -32.28 -1.73 -17.68
N ASP A 279 -31.95 -2.87 -17.09
CA ASP A 279 -30.61 -3.14 -16.58
C ASP A 279 -29.83 -3.89 -17.67
N PHE A 280 -29.05 -3.14 -18.45
CA PHE A 280 -28.35 -3.71 -19.60
C PHE A 280 -26.88 -3.99 -19.32
N VAL A 281 -26.39 -3.74 -18.10
CA VAL A 281 -24.98 -3.98 -17.81
C VAL A 281 -24.70 -5.48 -17.76
N LYS A 282 -25.52 -6.22 -17.02
CA LYS A 282 -25.33 -7.67 -16.93
C LYS A 282 -25.47 -8.37 -18.28
N PRO A 283 -26.51 -8.11 -19.09
CA PRO A 283 -26.57 -8.81 -20.40
C PRO A 283 -25.42 -8.43 -21.33
N LEU A 284 -25.02 -7.16 -21.36
CA LEU A 284 -23.94 -6.77 -22.27
C LEU A 284 -22.62 -7.43 -21.89
N LEU A 285 -22.33 -7.53 -20.59
CA LEU A 285 -21.14 -8.23 -20.16
C LEU A 285 -21.19 -9.71 -20.52
N GLU A 286 -22.38 -10.31 -20.53
CA GLU A 286 -22.52 -11.68 -20.98
C GLU A 286 -22.32 -11.81 -22.49
N GLU A 287 -22.42 -10.70 -23.23
CA GLU A 287 -22.31 -10.71 -24.68
C GLU A 287 -20.88 -10.45 -25.15
N LYS A 288 -20.21 -9.46 -24.56
CA LYS A 288 -18.86 -9.09 -24.98
C LYS A 288 -17.78 -9.95 -24.31
N GLY A 289 -18.05 -10.47 -23.13
CA GLY A 289 -17.07 -11.28 -22.44
C GLY A 289 -17.65 -12.52 -21.77
N LYS A 290 -16.88 -13.12 -20.87
CA LYS A 290 -17.31 -14.31 -20.14
C LYS A 290 -17.65 -13.90 -18.71
N VAL A 291 -18.94 -13.87 -18.40
CA VAL A 291 -19.40 -13.55 -17.05
C VAL A 291 -19.26 -14.80 -16.19
N TYR A 292 -18.51 -14.70 -15.10
CA TYR A 292 -18.31 -15.82 -14.20
C TYR A 292 -19.37 -15.91 -13.12
N PHE A 293 -19.95 -14.78 -12.72
CA PHE A 293 -21.07 -14.77 -11.79
C PHE A 293 -21.75 -13.41 -11.85
N SER A 294 -22.98 -13.38 -11.36
CA SER A 294 -23.76 -12.14 -11.34
C SER A 294 -24.52 -11.93 -10.04
N LYS A 295 -24.64 -12.92 -9.18
CA LYS A 295 -25.30 -12.78 -7.89
C LYS A 295 -24.42 -13.41 -6.82
N VAL A 296 -24.32 -12.75 -5.67
CA VAL A 296 -23.46 -13.19 -4.58
C VAL A 296 -24.27 -13.20 -3.29
N LEU A 297 -24.15 -14.27 -2.51
CA LEU A 297 -24.78 -14.37 -1.20
C LEU A 297 -24.03 -13.49 -0.21
N MET A 298 -24.56 -12.30 0.04
CA MET A 298 -23.87 -11.34 0.90
C MET A 298 -24.85 -10.25 1.31
N LYS A 299 -24.51 -9.58 2.40
CA LYS A 299 -25.21 -8.38 2.83
C LYS A 299 -24.15 -7.31 3.11
N PRO A 300 -24.30 -6.10 2.54
CA PRO A 300 -25.45 -5.62 1.75
C PRO A 300 -25.43 -6.05 0.29
N GLY A 301 -26.59 -5.94 -0.35
CA GLY A 301 -26.71 -6.19 -1.76
C GLY A 301 -26.88 -7.66 -2.12
N LYS A 302 -26.65 -7.93 -3.40
CA LYS A 302 -26.76 -9.26 -3.98
C LYS A 302 -26.23 -9.26 -5.41
N PRO A 303 -26.68 -8.35 -6.31
CA PRO A 303 -26.16 -8.39 -7.68
C PRO A 303 -24.72 -7.89 -7.73
N LEU A 304 -23.88 -8.65 -8.43
CA LEU A 304 -22.49 -8.26 -8.63
C LEU A 304 -21.96 -9.10 -9.79
N THR A 305 -21.80 -8.48 -10.95
CA THR A 305 -21.39 -9.16 -12.16
C THR A 305 -19.90 -8.98 -12.37
N PHE A 306 -19.18 -10.08 -12.55
CA PHE A 306 -17.76 -10.08 -12.86
C PHE A 306 -17.55 -10.79 -14.19
N ALA A 307 -16.90 -10.11 -15.13
CA ALA A 307 -16.69 -10.65 -16.46
C ALA A 307 -15.25 -10.40 -16.90
N GLU A 308 -14.78 -11.26 -17.79
CA GLU A 308 -13.46 -11.11 -18.41
C GLU A 308 -13.68 -10.84 -19.89
N ILE A 309 -13.22 -9.69 -20.35
CA ILE A 309 -13.37 -9.26 -21.74
C ILE A 309 -12.00 -9.24 -22.40
N ARG A 310 -11.93 -9.78 -23.61
CA ARG A 310 -10.70 -9.81 -24.39
C ARG A 310 -10.74 -8.67 -25.41
N ALA A 311 -9.79 -7.75 -25.30
CA ALA A 311 -9.72 -6.64 -26.25
C ALA A 311 -9.29 -7.15 -27.63
N LYS A 312 -10.07 -6.82 -28.65
CA LYS A 312 -9.78 -7.26 -30.00
C LYS A 312 -8.86 -6.25 -30.68
N PRO A 313 -7.59 -6.59 -30.94
CA PRO A 313 -6.65 -5.67 -31.58
C PRO A 313 -6.83 -5.61 -33.10
N LEU A 318 -1.65 -4.40 -28.74
CA LEU A 318 -1.57 -5.86 -28.66
C LEU A 318 -2.81 -6.44 -28.00
N GLY A 319 -2.92 -7.77 -28.01
CA GLY A 319 -4.04 -8.42 -27.35
C GLY A 319 -3.99 -8.16 -25.84
N LYS A 320 -5.17 -7.89 -25.28
CA LYS A 320 -5.27 -7.49 -23.89
C LYS A 320 -6.54 -8.04 -23.26
N THR A 321 -6.45 -8.43 -22.00
CA THR A 321 -7.59 -8.90 -21.22
C THR A 321 -8.05 -7.80 -20.28
N VAL A 322 -9.34 -7.50 -20.29
CA VAL A 322 -9.94 -6.46 -19.46
C VAL A 322 -10.93 -7.11 -18.51
N LEU A 323 -10.79 -6.80 -17.22
CA LEU A 323 -11.70 -7.31 -16.21
C LEU A 323 -12.80 -6.29 -15.95
N ALA A 324 -14.05 -6.75 -15.99
CA ALA A 324 -15.21 -5.89 -15.80
C ALA A 324 -15.90 -6.24 -14.49
N PHE A 325 -16.17 -5.23 -13.67
CA PHE A 325 -16.89 -5.38 -12.41
C PHE A 325 -18.21 -4.63 -12.53
N GLY A 326 -19.30 -5.37 -12.72
CA GLY A 326 -20.62 -4.77 -12.70
C GLY A 326 -21.10 -4.52 -11.29
N LEU A 327 -20.62 -3.44 -10.68
CA LEU A 327 -20.97 -3.15 -9.30
C LEU A 327 -22.43 -2.72 -9.20
N PRO A 328 -23.09 -3.05 -8.08
CA PRO A 328 -24.49 -2.62 -7.91
C PRO A 328 -24.61 -1.11 -7.77
N GLY A 329 -25.83 -0.62 -8.04
CA GLY A 329 -26.07 0.81 -8.03
C GLY A 329 -26.26 1.42 -6.66
N ASN A 330 -26.63 0.63 -5.67
CA ASN A 330 -26.80 1.16 -4.32
C ASN A 330 -25.46 1.62 -3.77
N PRO A 331 -25.38 2.80 -3.16
CA PRO A 331 -24.07 3.36 -2.79
C PRO A 331 -23.27 2.49 -1.83
N VAL A 332 -23.94 1.90 -0.84
CA VAL A 332 -23.23 1.08 0.13
C VAL A 332 -22.70 -0.20 -0.53
N SER A 333 -23.57 -0.91 -1.26
CA SER A 333 -23.15 -2.14 -1.90
C SER A 333 -22.09 -1.88 -2.97
N CYS A 334 -22.14 -0.70 -3.60
CA CYS A 334 -21.14 -0.36 -4.59
C CYS A 334 -19.75 -0.23 -3.96
N LEU A 335 -19.66 0.48 -2.83
CA LEU A 335 -18.38 0.68 -2.17
C LEU A 335 -17.91 -0.58 -1.44
N VAL A 336 -18.84 -1.34 -0.86
CA VAL A 336 -18.45 -2.58 -0.17
C VAL A 336 -17.90 -3.59 -1.17
N CYS A 337 -18.58 -3.77 -2.30
CA CYS A 337 -18.08 -4.69 -3.32
C CYS A 337 -16.75 -4.23 -3.89
N PHE A 338 -16.49 -2.92 -3.86
CA PHE A 338 -15.18 -2.43 -4.26
C PHE A 338 -14.10 -2.84 -3.26
N ASN A 339 -14.41 -2.70 -1.96
CA ASN A 339 -13.42 -3.01 -0.93
C ASN A 339 -13.11 -4.49 -0.86
N ILE A 340 -14.08 -5.34 -1.17
CA ILE A 340 -13.90 -6.78 -1.01
C ILE A 340 -13.35 -7.43 -2.27
N PHE A 341 -13.82 -7.02 -3.44
CA PHE A 341 -13.49 -7.70 -4.69
C PHE A 341 -12.58 -6.90 -5.61
N VAL A 342 -12.78 -5.59 -5.72
CA VAL A 342 -11.99 -4.81 -6.67
C VAL A 342 -10.61 -4.49 -6.08
N VAL A 343 -10.54 -4.20 -4.79
CA VAL A 343 -9.26 -3.89 -4.16
C VAL A 343 -8.26 -5.03 -4.30
N PRO A 344 -8.60 -6.28 -3.97
CA PRO A 344 -7.62 -7.36 -4.20
C PRO A 344 -7.28 -7.56 -5.66
N THR A 345 -8.24 -7.31 -6.57
CA THR A 345 -7.96 -7.41 -7.99
C THR A 345 -6.96 -6.35 -8.42
N ILE A 346 -7.07 -5.14 -7.87
CA ILE A 346 -6.10 -4.09 -8.17
C ILE A 346 -4.71 -4.51 -7.71
N ARG A 347 -4.60 -4.99 -6.48
CA ARG A 347 -3.29 -5.36 -5.94
C ARG A 347 -2.73 -6.59 -6.64
N GLN A 348 -3.59 -7.54 -7.00
CA GLN A 348 -3.10 -8.72 -7.71
C GLN A 348 -2.58 -8.35 -9.10
N LEU A 349 -3.27 -7.44 -9.79
CA LEU A 349 -2.77 -6.95 -11.06
C LEU A 349 -1.50 -6.12 -10.87
N ALA A 350 -1.39 -5.44 -9.74
CA ALA A 350 -0.21 -4.62 -9.44
C ALA A 350 0.96 -5.43 -8.92
N GLY A 351 0.85 -6.75 -8.86
CA GLY A 351 1.95 -7.61 -8.47
C GLY A 351 2.09 -7.89 -7.00
N TRP A 352 1.07 -7.59 -6.19
CA TRP A 352 1.14 -7.87 -4.76
C TRP A 352 1.12 -9.38 -4.53
N THR A 353 2.03 -9.85 -3.67
CA THR A 353 2.01 -11.25 -3.27
C THR A 353 0.94 -11.55 -2.23
N SER A 354 0.52 -10.52 -1.46
CA SER A 354 -0.54 -10.64 -0.47
C SER A 354 -1.62 -9.62 -0.81
N PRO A 355 -2.47 -9.92 -1.81
CA PRO A 355 -3.51 -8.94 -2.20
C PRO A 355 -4.66 -8.85 -1.22
N HIS A 356 -4.85 -9.86 -0.37
CA HIS A 356 -5.99 -9.88 0.52
C HIS A 356 -5.90 -8.72 1.52
N PRO A 357 -7.05 -8.19 1.93
CA PRO A 357 -7.04 -7.10 2.91
C PRO A 357 -6.71 -7.61 4.30
N LEU A 358 -6.37 -6.67 5.18
CA LEU A 358 -6.04 -7.01 6.56
C LEU A 358 -7.28 -7.48 7.29
N ARG A 359 -7.17 -8.62 7.96
CA ARG A 359 -8.27 -9.22 8.71
C ARG A 359 -7.83 -9.42 10.15
N VAL A 360 -8.60 -8.88 11.09
CA VAL A 360 -8.28 -8.92 12.50
C VAL A 360 -9.50 -9.46 13.27
N ARG A 361 -9.31 -9.62 14.57
CA ARG A 361 -10.37 -10.05 15.48
C ARG A 361 -10.59 -8.96 16.51
N LEU A 362 -11.85 -8.63 16.79
CA LEU A 362 -12.16 -7.52 17.67
C LEU A 362 -13.40 -7.83 18.49
N ARG A 363 -13.63 -7.02 19.52
CA ARG A 363 -14.81 -7.09 20.35
C ARG A 363 -15.87 -6.12 19.85
N LEU A 364 -17.12 -6.43 20.13
CA LEU A 364 -18.23 -5.56 19.76
C LEU A 364 -18.54 -4.60 20.91
N GLN A 365 -18.59 -3.31 20.61
CA GLN A 365 -18.94 -2.30 21.60
C GLN A 365 -20.44 -2.21 21.85
N GLU A 366 -21.26 -2.86 21.02
CA GLU A 366 -22.71 -2.77 21.12
C GLU A 366 -23.30 -4.02 20.51
N PRO A 367 -24.50 -4.43 20.94
CA PRO A 367 -25.12 -5.62 20.35
C PRO A 367 -25.52 -5.38 18.91
N ILE A 368 -25.30 -6.40 18.08
CA ILE A 368 -25.61 -6.35 16.65
C ILE A 368 -26.37 -7.60 16.28
N LYS A 369 -27.46 -7.43 15.52
CA LYS A 369 -28.27 -8.55 15.05
C LYS A 369 -27.82 -8.95 13.66
N SER A 370 -27.42 -10.21 13.51
CA SER A 370 -26.95 -10.72 12.23
C SER A 370 -28.10 -11.24 11.38
N ASP A 371 -27.94 -11.15 10.07
CA ASP A 371 -28.96 -11.62 9.16
C ASP A 371 -29.04 -13.15 9.19
N PRO A 372 -30.25 -13.72 9.13
CA PRO A 372 -30.36 -15.19 9.19
C PRO A 372 -29.99 -15.90 7.90
N ILE A 373 -29.93 -15.20 6.77
CA ILE A 373 -29.73 -15.81 5.47
C ILE A 373 -28.38 -15.42 4.87
N ARG A 374 -28.08 -14.13 4.83
CA ARG A 374 -26.89 -13.62 4.18
C ARG A 374 -25.85 -13.20 5.20
N PRO A 375 -24.61 -13.67 5.08
CA PRO A 375 -23.54 -13.14 5.94
C PRO A 375 -23.30 -11.66 5.64
N GLU A 376 -23.34 -10.85 6.68
CA GLU A 376 -23.32 -9.40 6.53
C GLU A 376 -21.91 -8.85 6.66
N PHE A 377 -21.60 -7.81 5.88
CA PHE A 377 -20.37 -7.05 6.03
C PHE A 377 -20.74 -5.72 6.69
N HIS A 378 -20.83 -5.77 8.02
CA HIS A 378 -21.32 -4.64 8.81
C HIS A 378 -20.25 -3.56 8.90
N ARG A 379 -20.59 -2.34 8.47
CA ARG A 379 -19.67 -1.23 8.57
C ARG A 379 -19.45 -0.83 10.02
N ALA A 380 -18.18 -0.61 10.39
CA ALA A 380 -17.86 -0.29 11.76
C ALA A 380 -16.69 0.67 11.79
N ILE A 381 -16.60 1.43 12.89
CA ILE A 381 -15.47 2.29 13.20
C ILE A 381 -14.71 1.61 14.34
N ILE A 382 -13.52 1.10 14.04
CA ILE A 382 -12.76 0.32 15.00
C ILE A 382 -11.56 1.12 15.48
N LYS A 383 -11.14 0.84 16.71
CA LYS A 383 -10.00 1.50 17.31
C LYS A 383 -9.33 0.55 18.28
N TRP A 384 -8.05 0.78 18.52
CA TRP A 384 -7.28 -0.03 19.46
C TRP A 384 -7.41 0.57 20.86
N LYS A 385 -7.76 -0.26 21.83
CA LYS A 385 -7.90 0.16 23.21
C LYS A 385 -6.96 -0.66 24.09
N ASP A 386 -6.37 0.00 25.08
CA ASP A 386 -5.54 -0.70 26.05
C ASP A 386 -6.33 -1.75 26.84
N ASN A 387 -7.65 -1.57 26.92
CA ASN A 387 -8.54 -2.56 27.52
C ASN A 387 -9.74 -2.70 26.59
N ASP A 388 -9.81 -3.80 25.84
CA ASP A 388 -10.85 -4.00 24.86
C ASP A 388 -12.17 -4.45 25.46
N GLY A 389 -12.34 -4.30 26.78
CA GLY A 389 -13.53 -4.77 27.46
C GLY A 389 -13.37 -6.08 28.20
N SER A 390 -12.19 -6.69 28.13
CA SER A 390 -11.96 -7.95 28.82
C SER A 390 -10.61 -7.98 29.55
N GLY A 391 -10.06 -6.81 29.89
CA GLY A 391 -8.80 -6.73 30.60
C GLY A 391 -7.56 -6.82 29.74
N THR A 392 -7.70 -7.06 28.44
CA THR A 392 -6.56 -7.18 27.54
C THR A 392 -6.64 -6.15 26.44
N PRO A 393 -5.51 -5.67 25.93
CA PRO A 393 -5.55 -4.72 24.81
C PRO A 393 -5.96 -5.40 23.52
N GLY A 394 -6.77 -4.71 22.73
CA GLY A 394 -7.23 -5.25 21.46
C GLY A 394 -8.13 -4.25 20.77
N PHE A 395 -8.64 -4.67 19.62
CA PHE A 395 -9.53 -3.83 18.83
C PHE A 395 -10.97 -3.94 19.33
N VAL A 396 -11.68 -2.82 19.26
CA VAL A 396 -13.12 -2.78 19.52
C VAL A 396 -13.78 -2.04 18.36
N ALA A 397 -15.02 -2.39 18.07
CA ALA A 397 -15.73 -1.86 16.92
C ALA A 397 -17.08 -1.29 17.36
N GLU A 398 -17.40 -0.09 16.89
CA GLU A 398 -18.72 0.50 17.04
C GLU A 398 -19.43 0.47 15.71
N SER A 399 -20.73 0.16 15.75
CA SER A 399 -21.52 0.15 14.53
C SER A 399 -21.76 1.56 14.02
N THR A 400 -21.85 1.69 12.70
CA THR A 400 -22.10 2.99 12.07
C THR A 400 -23.58 3.35 12.02
N GLY A 401 -24.47 2.46 12.47
CA GLY A 401 -25.89 2.73 12.49
C GLY A 401 -26.65 1.77 11.57
N HIS A 402 -27.69 2.29 10.93
CA HIS A 402 -28.49 1.49 10.01
C HIS A 402 -27.66 1.07 8.80
N GLN A 403 -27.82 -0.18 8.39
CA GLN A 403 -26.97 -0.80 7.39
C GLN A 403 -27.69 -1.06 6.06
N MET A 404 -28.71 -0.25 5.76
CA MET A 404 -29.39 -0.38 4.47
C MET A 404 -28.42 -0.03 3.34
N SER A 405 -28.55 -0.75 2.23
CA SER A 405 -27.63 -0.59 1.11
C SER A 405 -27.74 0.77 0.43
N SER A 406 -28.77 1.56 0.75
CA SER A 406 -28.92 2.89 0.16
C SER A 406 -28.41 4.00 1.08
N ARG A 407 -28.12 3.70 2.35
CA ARG A 407 -27.72 4.72 3.31
C ARG A 407 -26.20 4.83 3.32
N LEU A 408 -25.68 5.70 2.44
CA LEU A 408 -24.23 5.89 2.36
C LEU A 408 -23.63 6.39 3.66
N LEU A 409 -24.45 6.97 4.54
CA LEU A 409 -23.96 7.40 5.85
C LEU A 409 -23.43 6.23 6.67
N SER A 410 -23.82 5.00 6.34
CA SER A 410 -23.26 3.84 7.02
C SER A 410 -21.79 3.65 6.66
N MET A 411 -21.38 4.09 5.47
CA MET A 411 -19.99 4.05 5.08
C MET A 411 -19.17 5.20 5.64
N ARG A 412 -19.83 6.21 6.23
CA ARG A 412 -19.14 7.40 6.69
C ARG A 412 -18.17 7.06 7.82
N SER A 413 -16.89 7.37 7.62
CA SER A 413 -15.83 7.14 8.59
C SER A 413 -15.71 5.68 9.01
N ALA A 414 -16.27 4.76 8.23
CA ALA A 414 -16.18 3.34 8.52
C ALA A 414 -14.85 2.80 7.99
N ASN A 415 -14.05 2.21 8.88
CA ASN A 415 -12.73 1.73 8.53
C ASN A 415 -12.62 0.21 8.56
N ALA A 416 -13.66 -0.50 8.96
CA ALA A 416 -13.64 -1.96 9.00
C ALA A 416 -14.99 -2.48 8.56
N LEU A 417 -15.00 -3.75 8.11
CA LEU A 417 -16.22 -4.45 7.74
C LEU A 417 -16.33 -5.69 8.62
N LEU A 418 -17.29 -5.67 9.54
CA LEU A 418 -17.51 -6.82 10.42
C LEU A 418 -18.07 -7.99 9.62
N GLU A 419 -17.36 -9.12 9.65
CA GLU A 419 -17.81 -10.33 8.96
C GLU A 419 -18.73 -11.09 9.90
N LEU A 420 -20.03 -10.78 9.81
CA LEU A 420 -21.03 -11.42 10.66
C LEU A 420 -21.58 -12.66 9.94
N PRO A 421 -21.63 -13.81 10.60
CA PRO A 421 -22.15 -15.01 9.93
C PRO A 421 -23.66 -15.04 9.91
N ALA A 422 -24.19 -15.75 8.93
CA ALA A 422 -25.64 -15.86 8.72
C ALA A 422 -26.22 -16.84 9.73
N THR A 423 -26.36 -16.37 10.98
CA THR A 423 -26.93 -17.17 12.04
C THR A 423 -28.24 -16.63 12.58
N GLY A 424 -28.58 -15.38 12.27
CA GLY A 424 -29.80 -14.77 12.77
C GLY A 424 -29.80 -14.43 14.25
N ASN A 425 -28.74 -14.75 14.98
CA ASN A 425 -28.68 -14.49 16.40
C ASN A 425 -28.11 -13.10 16.67
N VAL A 426 -28.46 -12.55 17.83
CA VAL A 426 -28.00 -11.23 18.24
C VAL A 426 -26.65 -11.39 18.93
N LEU A 427 -25.59 -10.89 18.29
CA LEU A 427 -24.25 -10.93 18.87
C LEU A 427 -24.16 -9.83 19.92
N SER A 428 -24.11 -10.21 21.19
CA SER A 428 -24.11 -9.23 22.26
C SER A 428 -22.79 -8.46 22.30
N ALA A 429 -22.81 -7.34 23.01
CA ALA A 429 -21.61 -6.53 23.17
C ALA A 429 -20.56 -7.28 23.97
N GLY A 430 -19.33 -7.27 23.47
CA GLY A 430 -18.24 -8.01 24.07
C GLY A 430 -17.87 -9.29 23.35
N SER A 431 -18.66 -9.70 22.36
CA SER A 431 -18.35 -10.89 21.59
C SER A 431 -17.33 -10.58 20.51
N SER A 432 -16.60 -11.60 20.09
CA SER A 432 -15.52 -11.46 19.12
C SER A 432 -16.00 -11.85 17.73
N VAL A 433 -15.71 -10.99 16.75
CA VAL A 433 -16.04 -11.25 15.36
C VAL A 433 -14.82 -10.92 14.51
N SER A 434 -14.83 -11.43 13.28
CA SER A 434 -13.79 -11.10 12.32
C SER A 434 -14.13 -9.79 11.62
N ALA A 435 -13.09 -9.03 11.30
CA ALA A 435 -13.27 -7.72 10.68
C ALA A 435 -12.26 -7.52 9.57
N ILE A 436 -12.73 -6.99 8.44
CA ILE A 436 -11.89 -6.66 7.30
C ILE A 436 -11.59 -5.17 7.37
N ILE A 437 -10.33 -4.82 7.59
CA ILE A 437 -9.91 -3.43 7.67
C ILE A 437 -9.77 -2.88 6.25
N VAL A 438 -10.48 -1.79 5.96
CA VAL A 438 -10.58 -1.24 4.62
C VAL A 438 -9.81 0.05 4.46
N SER A 439 -9.13 0.53 5.50
CA SER A 439 -8.31 1.73 5.43
C SER A 439 -7.46 1.79 6.69
N ASP A 440 -6.37 2.55 6.62
CA ASP A 440 -5.50 2.71 7.78
C ASP A 440 -6.27 3.33 8.93
N ILE A 441 -6.15 2.72 10.11
CA ILE A 441 -6.98 3.08 11.26
C ILE A 441 -6.17 3.84 12.30
N SER A 442 -5.40 4.84 11.84
CA SER A 442 -4.51 5.56 12.74
C SER A 442 -5.25 6.45 13.74
N ALA A 443 -6.57 6.57 13.63
CA ALA A 443 -7.34 7.40 14.56
C ALA A 443 -7.29 6.81 15.97
N PHE A 444 -6.31 7.26 16.76
CA PHE A 444 -6.14 6.77 18.13
C PHE A 444 -7.21 7.33 19.05
#